data_5FKH
#
_entry.id   5FKH
#
_cell.length_a   62.496
_cell.length_b   62.496
_cell.length_c   155.065
_cell.angle_alpha   90.00
_cell.angle_beta   90.00
_cell.angle_gamma   90.00
#
_symmetry.space_group_name_H-M   'P 43 21 2'
#
loop_
_entity.id
_entity.type
_entity.pdbx_description
1 polymer 'SAM-I RIBOSWITCH'
2 non-polymer S-ADENOSYLMETHIONINE
3 non-polymer 'BARIUM ION'
4 non-polymer 'SODIUM ION'
5 non-polymer 'POTASSIUM ION'
6 water water
#
_entity_poly.entity_id   1
_entity_poly.type   'polyribonucleotide'
_entity_poly.pdbx_seq_one_letter_code
;GGCUUAUCAAGAGAGGGUGAGCGACUGGCGCGAAGACCCCCGGCAACCAGAAAUGGUGCCAAUUCCUGCAGCGGAAACGU
UGAAAGAUGAGCCG
;
_entity_poly.pdbx_strand_id   A
#
loop_
_chem_comp.id
_chem_comp.type
_chem_comp.name
_chem_comp.formula
A RNA linking ADENOSINE-5'-MONOPHOSPHATE 'C10 H14 N5 O7 P'
BA non-polymer 'BARIUM ION' 'Ba 2'
C RNA linking CYTIDINE-5'-MONOPHOSPHATE 'C9 H14 N3 O8 P'
G RNA linking GUANOSINE-5'-MONOPHOSPHATE 'C10 H14 N5 O8 P'
K non-polymer 'POTASSIUM ION' 'K 1'
NA non-polymer 'SODIUM ION' 'Na 1'
SAM non-polymer S-ADENOSYLMETHIONINE 'C15 H22 N6 O5 S'
U RNA linking URIDINE-5'-MONOPHOSPHATE 'C9 H13 N2 O9 P'
#
# COMPACT_ATOMS: atom_id res chain seq x y z
N SAM B . -1.86 -0.11 -1.69
CA SAM B . -2.32 0.22 -0.35
C SAM B . -3.06 1.54 -0.31
O SAM B . -3.30 2.11 0.76
OXT SAM B . -3.45 2.08 -1.34
CB SAM B . -1.14 0.25 0.61
CG SAM B . -0.21 1.43 0.34
SD SAM B . 1.47 1.12 0.93
CE SAM B . 1.66 2.49 2.10
C5' SAM B . 2.41 1.70 -0.51
C4' SAM B . 2.97 0.50 -1.27
O4' SAM B . 1.96 -0.47 -1.47
C3' SAM B . 3.49 0.85 -2.65
O3' SAM B . 4.89 0.98 -2.63
C2' SAM B . 3.11 -0.34 -3.51
O2' SAM B . 4.28 -1.05 -3.86
C1' SAM B . 2.23 -1.22 -2.63
N9 SAM B . 0.98 -1.60 -3.31
C8 SAM B . 0.43 -2.85 -3.29
N7 SAM B . -0.71 -2.85 -4.02
C5 SAM B . -0.90 -1.60 -4.51
C6 SAM B . -1.90 -1.06 -5.30
N6 SAM B . -2.91 -1.81 -5.73
N1 SAM B . -1.85 0.28 -5.64
C2 SAM B . -0.80 1.05 -5.21
N3 SAM B . 0.19 0.51 -4.42
C4 SAM B . 0.14 -0.81 -4.07
BA BA C . -1.02 -1.36 -18.24
BA BA D . -2.52 5.24 2.73
BA BA E . 10.53 0.32 8.67
BA BA F . 3.35 -14.84 7.84
BA BA G . 10.09 -21.04 1.77
BA BA H . -7.23 -5.70 -9.90
BA BA I . 1.00 4.56 13.82
BA BA J . 2.98 -3.98 -17.28
BA BA K . 17.26 23.95 22.91
BA BA L . -17.49 7.90 22.13
NA NA M . 9.66 -5.13 3.46
NA NA N . -5.59 5.27 7.02
K K O . 8.54 13.82 14.21
BA BA P . -12.48 -6.85 -4.09
BA BA Q . -22.85 -3.50 7.91
#